data_6ZM9
#
_entry.id   6ZM9
#
_cell.length_a   154.324
_cell.length_b   154.324
_cell.length_c   154.324
_cell.angle_alpha   90.000
_cell.angle_beta   90.000
_cell.angle_gamma   90.000
#
_symmetry.space_group_name_H-M   'F 41 3 2'
#
loop_
_entity.id
_entity.type
_entity.pdbx_description
1 polymer 'Chains: A'
2 non-polymer 'PHOSPHATE ION'
3 non-polymer 'SODIUM ION'
4 non-polymer PROLINE
5 non-polymer "5'-DEOXY-5'-METHYLTHIOADENOSINE"
6 water water
#
_entity_poly.entity_id   1
_entity_poly.type   'polypeptide(L)'
_entity_poly.pdbx_seq_one_letter_code
;SLMERLGGGGFSARIFVGLNVGDKPTYTIEDVVKDTIAIRKRQGILPDASFVAQRGVYTEQRSGQLVTENSVQIIIIDLE
GLSKEDFTGKVQALGKELREDFKQESVIVEIQERGIVQDVYSITAEWYEEGPMRPLRVDLQPSLIS
;
_entity_poly.pdbx_strand_id   A
#
loop_
_chem_comp.id
_chem_comp.type
_chem_comp.name
_chem_comp.formula
MTA non-polymer 5'-DEOXY-5'-METHYLTHIOADENOSINE 'C11 H15 N5 O3 S'
NA non-polymer 'SODIUM ION' 'Na 1'
PO4 non-polymer 'PHOSPHATE ION' 'O4 P -3'
#
# COMPACT_ATOMS: atom_id res chain seq x y z
N SER A 1 -17.73 -25.19 -12.86
CA SER A 1 -17.45 -23.81 -12.34
C SER A 1 -17.54 -22.84 -13.52
N LEU A 2 -17.79 -21.58 -13.18
N LEU A 2 -17.74 -21.57 -13.20
CA LEU A 2 -17.87 -20.53 -14.17
CA LEU A 2 -17.91 -20.53 -14.20
C LEU A 2 -16.52 -19.83 -14.28
C LEU A 2 -16.63 -19.71 -14.30
N MET A 3 -16.09 -19.59 -15.50
N MET A 3 -16.04 -19.67 -15.49
CA MET A 3 -14.84 -18.89 -15.78
CA MET A 3 -14.78 -18.97 -15.76
C MET A 3 -15.25 -17.47 -16.17
C MET A 3 -15.19 -17.56 -16.15
N GLU A 4 -15.35 -16.63 -15.18
CA GLU A 4 -15.85 -15.27 -15.47
C GLU A 4 -14.70 -14.30 -15.66
N ARG A 5 -14.71 -13.63 -16.80
CA ARG A 5 -13.67 -12.66 -17.15
C ARG A 5 -13.97 -11.34 -16.48
N LEU A 6 -13.00 -10.72 -15.89
CA LEU A 6 -13.27 -9.56 -15.10
C LEU A 6 -13.50 -8.31 -15.86
N GLY A 7 -14.48 -7.51 -15.39
CA GLY A 7 -14.90 -6.30 -16.01
C GLY A 7 -14.13 -5.08 -15.54
N GLY A 8 -14.23 -4.05 -16.35
CA GLY A 8 -13.61 -2.78 -16.06
C GLY A 8 -12.29 -2.59 -16.78
N GLY A 9 -11.58 -1.56 -16.32
CA GLY A 9 -10.34 -1.13 -16.91
C GLY A 9 -9.12 -1.90 -16.48
N GLY A 10 -9.31 -2.91 -15.65
CA GLY A 10 -8.21 -3.74 -15.22
C GLY A 10 -7.26 -3.06 -14.27
N PHE A 11 -7.78 -2.37 -13.26
CA PHE A 11 -6.93 -1.70 -12.29
C PHE A 11 -6.47 -2.62 -11.18
N SER A 12 -5.24 -2.40 -10.74
CA SER A 12 -4.71 -3.07 -9.57
C SER A 12 -3.70 -2.14 -8.90
N ALA A 13 -3.32 -2.50 -7.68
CA ALA A 13 -2.36 -1.70 -6.94
C ALA A 13 -1.51 -2.59 -6.04
N ARG A 14 -0.34 -2.08 -5.70
N ARG A 14 -0.34 -2.08 -5.70
CA ARG A 14 0.53 -2.65 -4.69
CA ARG A 14 0.53 -2.66 -4.69
C ARG A 14 0.87 -1.52 -3.72
C ARG A 14 0.92 -1.55 -3.72
N ILE A 15 0.85 -1.84 -2.42
CA ILE A 15 1.23 -0.89 -1.38
C ILE A 15 2.26 -1.58 -0.48
N PHE A 16 3.37 -0.88 -0.20
CA PHE A 16 4.42 -1.40 0.66
C PHE A 16 4.43 -0.62 1.96
N VAL A 17 4.25 -1.33 3.08
CA VAL A 17 4.16 -0.73 4.42
CA VAL A 17 4.20 -0.71 4.40
C VAL A 17 5.14 -1.44 5.34
N GLY A 18 6.07 -0.70 5.93
CA GLY A 18 6.98 -1.27 6.91
C GLY A 18 6.37 -1.38 8.29
N LEU A 19 7.01 -2.23 9.11
CA LEU A 19 6.51 -2.57 10.45
C LEU A 19 7.47 -2.14 11.55
N ASN A 20 8.61 -1.57 11.21
CA ASN A 20 9.46 -0.90 12.18
C ASN A 20 9.03 0.55 12.30
N VAL A 21 9.29 1.13 13.47
CA VAL A 21 9.31 2.58 13.66
C VAL A 21 10.77 2.92 13.90
N GLY A 22 11.41 3.52 12.91
CA GLY A 22 12.85 3.68 12.97
C GLY A 22 13.53 2.33 13.06
N ASP A 23 14.42 2.16 14.03
CA ASP A 23 15.12 0.88 14.16
C ASP A 23 14.39 -0.13 15.06
N LYS A 24 13.14 0.16 15.48
CA LYS A 24 12.42 -0.68 16.43
C LYS A 24 11.30 -1.49 15.78
N PRO A 25 11.39 -2.82 15.78
CA PRO A 25 10.25 -3.62 15.33
C PRO A 25 9.04 -3.34 16.21
N THR A 26 7.91 -3.01 15.56
CA THR A 26 6.75 -2.52 16.29
C THR A 26 5.44 -3.22 15.94
N TYR A 27 5.17 -3.42 14.66
CA TYR A 27 3.86 -3.89 14.20
C TYR A 27 3.97 -5.24 13.53
N THR A 28 2.80 -5.81 13.23
CA THR A 28 2.67 -7.11 12.59
C THR A 28 1.81 -7.03 11.35
N ILE A 29 1.94 -8.05 10.49
CA ILE A 29 1.12 -8.11 9.29
C ILE A 29 -0.37 -8.09 9.64
N GLU A 30 -0.78 -8.80 10.71
CA GLU A 30 -2.20 -8.80 11.03
C GLU A 30 -2.72 -7.42 11.39
N ASP A 31 -1.87 -6.58 12.01
CA ASP A 31 -2.26 -5.21 12.27
C ASP A 31 -2.60 -4.49 10.95
N VAL A 32 -1.76 -4.68 9.92
CA VAL A 32 -2.00 -4.05 8.63
C VAL A 32 -3.28 -4.60 7.98
N VAL A 33 -3.49 -5.92 8.08
CA VAL A 33 -4.72 -6.53 7.56
C VAL A 33 -5.94 -5.85 8.18
N LYS A 34 -5.98 -5.82 9.51
CA LYS A 34 -7.16 -5.27 10.19
C LYS A 34 -7.35 -3.79 9.87
N ASP A 35 -6.27 -3.01 9.86
CA ASP A 35 -6.39 -1.58 9.61
C ASP A 35 -6.86 -1.33 8.17
N THR A 36 -6.34 -2.12 7.22
CA THR A 36 -6.76 -1.97 5.83
C THR A 36 -8.24 -2.27 5.67
N ILE A 37 -8.73 -3.34 6.31
CA ILE A 37 -10.15 -3.67 6.24
C ILE A 37 -10.98 -2.50 6.74
N ALA A 38 -10.58 -1.93 7.89
CA ALA A 38 -11.32 -0.84 8.49
C ALA A 38 -11.34 0.39 7.60
N ILE A 39 -10.21 0.75 7.00
CA ILE A 39 -10.14 1.91 6.15
C ILE A 39 -11.01 1.72 4.90
N ARG A 40 -10.90 0.55 4.28
CA ARG A 40 -11.62 0.30 3.05
C ARG A 40 -13.12 0.22 3.29
N LYS A 41 -13.54 -0.31 4.43
CA LYS A 41 -14.97 -0.28 4.75
C LYS A 41 -15.48 1.15 4.84
N ARG A 42 -14.70 2.06 5.44
CA ARG A 42 -15.12 3.46 5.55
C ARG A 42 -15.15 4.16 4.20
N GLN A 43 -14.42 3.63 3.22
CA GLN A 43 -14.49 4.12 1.86
C GLN A 43 -15.71 3.58 1.12
N GLY A 44 -16.39 2.59 1.68
CA GLY A 44 -17.53 1.97 1.04
C GLY A 44 -17.18 0.99 -0.04
N ILE A 45 -15.90 0.54 -0.13
CA ILE A 45 -15.36 -0.33 -1.18
C ILE A 45 -15.20 -1.73 -0.64
N LEU A 46 -15.25 -2.73 -1.54
CA LEU A 46 -14.97 -4.09 -1.11
C LEU A 46 -13.53 -4.17 -0.60
N PRO A 47 -13.30 -4.73 0.59
CA PRO A 47 -11.94 -4.71 1.14
C PRO A 47 -11.01 -5.79 0.60
N ASP A 48 -11.55 -6.71 -0.19
CA ASP A 48 -10.84 -7.89 -0.65
C ASP A 48 -9.45 -7.55 -1.18
N ALA A 49 -8.46 -8.33 -0.74
CA ALA A 49 -7.06 -8.02 -1.02
C ALA A 49 -6.19 -9.17 -0.53
N SER A 50 -4.92 -9.12 -0.90
CA SER A 50 -3.90 -10.06 -0.45
C SER A 50 -2.81 -9.29 0.28
N PHE A 51 -2.22 -9.92 1.30
CA PHE A 51 -1.21 -9.29 2.14
C PHE A 51 -0.03 -10.26 2.25
N VAL A 52 1.14 -9.82 1.80
CA VAL A 52 2.34 -10.65 1.75
C VAL A 52 3.34 -10.16 2.79
N ALA A 53 3.74 -11.04 3.69
CA ALA A 53 4.81 -10.72 4.62
C ALA A 53 6.15 -10.74 3.91
N GLN A 54 7.01 -9.78 4.26
CA GLN A 54 8.28 -9.59 3.60
C GLN A 54 9.33 -9.19 4.62
N ARG A 55 10.58 -9.32 4.21
CA ARG A 55 11.68 -8.57 4.80
C ARG A 55 11.95 -7.39 3.88
N GLY A 56 12.15 -6.21 4.46
CA GLY A 56 12.37 -5.01 3.68
C GLY A 56 13.62 -4.30 4.12
N VAL A 57 14.23 -3.61 3.16
CA VAL A 57 15.40 -2.79 3.39
C VAL A 57 15.07 -1.39 2.90
N TYR A 58 15.30 -0.38 3.75
CA TYR A 58 14.98 1.00 3.46
C TYR A 58 16.05 1.93 4.02
N THR A 59 16.42 2.93 3.23
CA THR A 59 17.37 3.95 3.66
C THR A 59 16.58 5.15 4.17
N GLU A 60 16.73 5.45 5.46
N GLU A 60 16.72 5.46 5.46
CA GLU A 60 16.02 6.57 6.06
CA GLU A 60 16.03 6.61 6.02
C GLU A 60 16.45 7.87 5.41
C GLU A 60 16.52 7.89 5.35
N GLN A 61 15.51 8.54 4.75
N GLN A 61 15.58 8.75 4.96
CA GLN A 61 15.76 9.91 4.32
CA GLN A 61 15.92 9.87 4.10
C GLN A 61 16.07 10.74 5.56
C GLN A 61 16.69 10.96 4.84
N ARG A 62 17.00 11.68 5.42
N ARG A 62 16.40 11.18 6.11
CA ARG A 62 17.49 12.54 6.49
CA ARG A 62 17.09 12.26 6.82
C ARG A 62 18.78 11.99 7.09
C ARG A 62 18.49 11.83 7.26
N SER A 63 18.68 10.88 7.84
N SER A 63 18.59 10.71 7.97
CA SER A 63 19.85 10.35 8.54
CA SER A 63 19.84 10.29 8.58
C SER A 63 20.71 9.46 7.66
C SER A 63 20.70 9.43 7.68
N GLY A 64 20.12 8.81 6.66
CA GLY A 64 20.84 7.87 5.83
C GLY A 64 21.02 6.50 6.44
N GLN A 65 20.43 6.26 7.60
CA GLN A 65 20.54 4.96 8.24
C GLN A 65 19.79 3.89 7.44
N LEU A 66 20.41 2.73 7.28
CA LEU A 66 19.79 1.62 6.58
C LEU A 66 19.05 0.75 7.59
N VAL A 67 17.75 0.55 7.36
CA VAL A 67 16.92 -0.27 8.22
C VAL A 67 16.54 -1.55 7.50
N THR A 68 16.62 -2.67 8.20
CA THR A 68 16.07 -3.96 7.77
C THR A 68 14.90 -4.29 8.72
N GLU A 69 13.73 -4.57 8.15
CA GLU A 69 12.52 -4.69 8.94
C GLU A 69 11.63 -5.76 8.34
N ASN A 70 10.62 -6.15 9.10
CA ASN A 70 9.47 -6.82 8.51
C ASN A 70 8.61 -5.79 7.80
N SER A 71 7.99 -6.18 6.70
CA SER A 71 7.09 -5.28 5.99
C SER A 71 5.97 -6.09 5.35
N VAL A 72 5.03 -5.37 4.75
CA VAL A 72 3.85 -5.97 4.14
C VAL A 72 3.69 -5.40 2.75
N GLN A 73 3.46 -6.27 1.77
CA GLN A 73 3.03 -5.86 0.44
C GLN A 73 1.53 -6.18 0.32
N ILE A 74 0.74 -5.14 0.14
CA ILE A 74 -0.70 -5.27 -0.07
C ILE A 74 -0.95 -5.31 -1.57
N ILE A 75 -1.67 -6.33 -2.02
CA ILE A 75 -1.99 -6.51 -3.44
C ILE A 75 -3.50 -6.38 -3.59
N ILE A 76 -3.94 -5.43 -4.42
CA ILE A 76 -5.36 -5.15 -4.61
C ILE A 76 -5.67 -5.27 -6.09
N ILE A 77 -6.54 -6.21 -6.43
CA ILE A 77 -7.12 -6.29 -7.78
C ILE A 77 -8.53 -5.70 -7.71
N ASP A 78 -8.83 -4.73 -8.57
CA ASP A 78 -10.17 -4.12 -8.54
C ASP A 78 -11.16 -5.12 -9.14
N LEU A 79 -12.11 -5.58 -8.33
CA LEU A 79 -13.18 -6.46 -8.80
C LEU A 79 -14.51 -5.73 -9.00
N GLU A 80 -14.55 -4.41 -8.80
CA GLU A 80 -15.80 -3.66 -8.86
C GLU A 80 -15.92 -2.75 -10.07
N GLY A 81 -14.94 -2.76 -10.96
CA GLY A 81 -14.99 -1.97 -12.17
C GLY A 81 -15.07 -0.49 -11.92
N LEU A 82 -14.19 0.03 -11.07
CA LEU A 82 -14.17 1.44 -10.76
C LEU A 82 -13.50 2.21 -11.89
N SER A 83 -13.79 3.50 -11.95
CA SER A 83 -13.09 4.37 -12.86
C SER A 83 -11.64 4.53 -12.40
N LYS A 84 -10.78 4.95 -13.31
CA LYS A 84 -9.35 5.18 -13.02
C LYS A 84 -9.22 6.19 -11.87
N GLU A 85 -9.97 7.30 -11.90
CA GLU A 85 -9.86 8.34 -10.89
C GLU A 85 -10.37 7.84 -9.53
N ASP A 86 -11.47 7.10 -9.54
CA ASP A 86 -12.07 6.54 -8.31
C ASP A 86 -11.10 5.54 -7.68
N PHE A 87 -10.62 4.57 -8.44
CA PHE A 87 -9.69 3.59 -7.90
C PHE A 87 -8.43 4.27 -7.40
N THR A 88 -7.83 5.13 -8.23
CA THR A 88 -6.58 5.78 -7.84
C THR A 88 -6.75 6.59 -6.57
N GLY A 89 -7.84 7.34 -6.47
CA GLY A 89 -8.04 8.15 -5.29
C GLY A 89 -8.21 7.33 -4.03
N LYS A 90 -8.96 6.22 -4.12
CA LYS A 90 -9.17 5.38 -2.95
C LYS A 90 -7.88 4.68 -2.53
N VAL A 91 -7.06 4.26 -3.48
CA VAL A 91 -5.79 3.64 -3.12
C VAL A 91 -4.83 4.66 -2.52
N GLN A 92 -4.79 5.86 -3.08
CA GLN A 92 -3.95 6.91 -2.52
C GLN A 92 -4.35 7.23 -1.10
N ALA A 93 -5.66 7.34 -0.85
CA ALA A 93 -6.13 7.65 0.49
C ALA A 93 -5.80 6.53 1.46
N LEU A 94 -5.93 5.28 1.01
CA LEU A 94 -5.54 4.14 1.84
C LEU A 94 -4.07 4.21 2.21
N GLY A 95 -3.20 4.43 1.22
CA GLY A 95 -1.78 4.54 1.51
C GLY A 95 -1.44 5.66 2.46
N LYS A 96 -2.09 6.82 2.29
CA LYS A 96 -1.83 7.96 3.18
C LYS A 96 -2.26 7.64 4.60
N GLU A 97 -3.39 6.96 4.78
CA GLU A 97 -3.83 6.63 6.13
C GLU A 97 -2.95 5.55 6.75
N LEU A 98 -2.54 4.55 5.97
CA LEU A 98 -1.62 3.54 6.49
C LEU A 98 -0.31 4.17 6.97
N ARG A 99 0.20 5.16 6.23
CA ARG A 99 1.43 5.80 6.65
C ARG A 99 1.27 6.42 8.03
N GLU A 100 0.17 7.15 8.25
CA GLU A 100 -0.09 7.75 9.55
C GLU A 100 -0.28 6.68 10.61
N ASP A 101 -1.11 5.68 10.32
CA ASP A 101 -1.51 4.73 11.35
C ASP A 101 -0.33 3.91 11.85
N PHE A 102 0.66 3.68 11.00
CA PHE A 102 1.85 2.91 11.36
C PHE A 102 3.07 3.79 11.57
N LYS A 103 2.87 5.10 11.67
CA LYS A 103 3.93 6.03 12.07
C LYS A 103 5.14 5.93 11.14
N GLN A 104 4.87 5.77 9.85
CA GLN A 104 5.93 5.50 8.88
C GLN A 104 6.48 6.75 8.22
N GLU A 105 7.77 6.69 7.88
CA GLU A 105 8.40 7.77 7.13
C GLU A 105 7.90 7.79 5.69
N SER A 106 7.73 6.61 5.09
CA SER A 106 7.38 6.48 3.68
CA SER A 106 7.25 6.56 3.72
C SER A 106 6.54 5.23 3.47
N VAL A 107 5.53 5.33 2.61
CA VAL A 107 4.76 4.20 2.09
C VAL A 107 4.82 4.29 0.57
N ILE A 108 5.09 3.18 -0.11
CA ILE A 108 5.14 3.17 -1.58
C ILE A 108 3.84 2.61 -2.12
N VAL A 109 3.28 3.30 -3.12
CA VAL A 109 2.04 2.89 -3.80
C VAL A 109 2.33 2.79 -5.29
N GLU A 110 1.95 1.68 -5.89
CA GLU A 110 2.05 1.49 -7.34
C GLU A 110 0.66 1.22 -7.87
N ILE A 111 0.25 1.95 -8.91
CA ILE A 111 -1.05 1.77 -9.57
C ILE A 111 -0.79 1.20 -10.95
N GLN A 112 -1.51 0.14 -11.31
N GLN A 112 -1.50 0.12 -11.31
CA GLN A 112 -1.38 -0.49 -12.62
CA GLN A 112 -1.37 -0.52 -12.61
C GLN A 112 -2.73 -0.51 -13.34
C GLN A 112 -2.71 -0.61 -13.33
N GLU A 113 -2.66 -0.51 -14.66
CA GLU A 113 -3.81 -0.67 -15.54
C GLU A 113 -3.42 -1.76 -16.54
N ARG A 114 -4.11 -2.89 -16.48
N ARG A 114 -4.11 -2.90 -16.48
CA ARG A 114 -3.73 -4.09 -17.23
CA ARG A 114 -3.72 -4.09 -17.25
C ARG A 114 -2.25 -4.42 -17.05
C ARG A 114 -2.24 -4.43 -17.06
N GLY A 115 -1.76 -4.24 -15.83
CA GLY A 115 -0.38 -4.56 -15.49
C GLY A 115 0.62 -3.48 -15.83
N ILE A 116 0.23 -2.47 -16.58
CA ILE A 116 1.12 -1.39 -16.97
C ILE A 116 1.08 -0.33 -15.88
N VAL A 117 2.25 0.04 -15.36
CA VAL A 117 2.31 0.98 -14.25
C VAL A 117 1.90 2.36 -14.73
N GLN A 118 0.88 2.92 -14.09
CA GLN A 118 0.41 4.27 -14.35
C GLN A 118 1.13 5.30 -13.49
N ASP A 119 1.43 4.93 -12.24
CA ASP A 119 2.07 5.83 -11.29
C ASP A 119 2.75 4.99 -10.22
N VAL A 120 3.92 5.43 -9.78
CA VAL A 120 4.52 4.97 -8.53
C VAL A 120 4.68 6.20 -7.67
N TYR A 121 4.17 6.14 -6.44
CA TYR A 121 4.20 7.24 -5.51
C TYR A 121 4.95 6.82 -4.28
N SER A 122 5.76 7.74 -3.74
N SER A 122 5.80 7.70 -3.76
CA SER A 122 6.26 7.62 -2.36
CA SER A 122 6.21 7.58 -2.37
C SER A 122 5.47 8.62 -1.52
C SER A 122 5.34 8.58 -1.61
N ILE A 123 4.75 8.11 -0.52
CA ILE A 123 3.95 8.95 0.34
C ILE A 123 4.83 9.21 1.55
N THR A 124 5.30 10.44 1.70
CA THR A 124 6.38 10.75 2.61
C THR A 124 5.92 11.67 3.71
N ALA A 125 6.29 11.33 4.93
CA ALA A 125 5.94 12.15 6.07
C ALA A 125 6.59 13.53 5.97
N GLU A 126 5.87 14.55 6.42
CA GLU A 126 6.35 15.92 6.42
C GLU A 126 6.78 16.38 7.80
N TRP A 127 7.24 15.46 8.64
CA TRP A 127 7.79 15.80 9.93
C TRP A 127 8.73 16.99 9.85
N TYR A 128 8.52 17.96 10.75
CA TYR A 128 9.24 19.22 10.67
C TYR A 128 10.72 18.99 10.94
N GLU A 129 11.57 19.63 10.13
CA GLU A 129 13.02 19.56 10.30
C GLU A 129 13.55 20.99 10.39
P PO4 B . 2.19 10.29 12.15
O1 PO4 B . 3.57 10.35 11.54
O2 PO4 B . 2.23 11.22 13.35
O3 PO4 B . 1.17 10.75 11.13
O4 PO4 B . 1.86 8.86 12.57
P PO4 C . -2.31 12.95 7.62
O1 PO4 C . -1.49 14.22 7.53
O2 PO4 C . -3.70 13.34 8.03
O3 PO4 C . -1.65 12.10 8.69
O4 PO4 C . -2.36 12.24 6.28
NA NA D . -12.54 -10.98 -4.15
N PRO E . 9.67 1.55 8.37
CA PRO E . 10.62 2.40 9.09
C PRO E . 10.06 3.77 9.44
O PRO E . 10.48 4.38 10.43
CB PRO E . 11.74 2.57 8.06
CG PRO E . 11.03 2.31 6.71
CD PRO E . 9.64 1.88 6.95
OXT PRO E . 9.20 4.28 8.73
HA PRO E . 10.93 1.95 9.89
HB2 PRO E . 12.09 3.47 8.10
HB3 PRO E . 12.44 1.93 8.22
HG2 PRO E . 11.04 3.13 6.20
HG3 PRO E . 11.52 1.62 6.24
HD2 PRO E . 9.02 2.59 6.75
HD3 PRO E . 9.43 1.09 6.41
CS MTA F . 8.93 2.40 1.95
S5' MTA F . 9.71 1.54 3.28
C5' MTA F . 8.56 0.18 3.51
C4' MTA F . 8.87 -1.09 2.74
O4' MTA F . 8.87 -0.78 1.33
C2' MTA F . 10.40 -2.60 1.73
O2' MTA F . 9.67 -3.80 1.92
C3' MTA F . 10.22 -1.74 3.00
O3' MTA F . 10.25 -2.52 4.19
C1' MTA F . 9.72 -1.72 0.67
N9 MTA F . 10.67 -0.98 -0.15
C8 MTA F . 11.27 0.22 0.11
N7 MTA F . 12.01 0.68 -0.88
C5 MTA F . 11.89 -0.29 -1.86
C6 MTA F . 12.35 -0.37 -3.19
N6 MTA F . 13.08 0.58 -3.79
N1 MTA F . 12.00 -1.47 -3.91
C2 MTA F . 11.22 -2.39 -3.33
N3 MTA F . 10.70 -2.42 -2.11
C4 MTA F . 11.07 -1.33 -1.42
HCS1 MTA F . 7.93 2.74 2.21
HCS2 MTA F . 9.50 3.29 1.65
HCS3 MTA F . 8.83 1.77 1.07
H5'1 MTA F . 8.53 -0.02 4.59
H5'2 MTA F . 7.57 0.55 3.27
H4' MTA F . 8.06 -1.80 2.91
H2' MTA F . 11.44 -2.76 1.47
HO2' MTA F . 9.88 -4.37 1.13
H3' MTA F . 11.02 -1.01 3.10
H3T MTA F . 9.89 -3.41 3.98
H1' MTA F . 9.06 -2.31 0.03
H8 MTA F . 11.15 0.74 1.06
H61 MTA F . 13.39 0.47 -4.75
H62 MTA F . 13.34 1.43 -3.31
H2 MTA F . 10.99 -3.26 -3.96
#